data_1KA2
#
_entry.id   1KA2
#
_cell.length_a   130.515
_cell.length_b   67.106
_cell.length_c   67.885
_cell.angle_alpha   90.00
_cell.angle_beta   95.88
_cell.angle_gamma   90.00
#
_symmetry.space_group_name_H-M   'C 1 2 1'
#
loop_
_entity.id
_entity.type
_entity.pdbx_description
1 polymer 'M32 carboxypeptidase'
2 non-polymer 'MAGNESIUM ION'
3 water water
#
_entity_poly.entity_id   1
_entity_poly.type   'polypeptide(L)'
_entity_poly.pdbx_seq_one_letter_code
;MEEVFQNETIKQILAKYRRIWAIGHAQSVLGWDLEVNMPKEGILERSVAQGELSVLSHELLLHPEFVNLVEKAKGLENLN
EYERGIVRVLDRSIRIARAFPPEFIREVSETTSLATKAWEEAKAKDDFSKFEPWLDKIISLAKRAAEYLGYEEEPYDALL
DLYEEGLRTRDVEKMFEVLEKKLKPLLDKILEEGKVPREHPLEKEKYEREWMERVNLWILQKFGFPLGTRARLDVSAHPF
TTEFGIRDVRITTRYEGYDFRRTILSTVHEFGHALYELQQDERFMFTPIAGGVSLGIHESQSRFWENIIGRSKEFVELIY
PVLKENLPFMSNYTPEDVYLYFNIVRPDFIRTEADVVTYNFHILLRFKLERLMVSEEIKAKDLPEMWNDEMERLLGIRPR
KYSEGILQDIHWAHGSIGYFPTYTIGTLLSAQLYYHIKKDIPDFEEKVAKAEFDPIKAWLREKIHRWGSIYPPKELLKKA
IGEDMDAEYFVRWVKEKYL
;
_entity_poly.pdbx_strand_id   A
#
loop_
_chem_comp.id
_chem_comp.type
_chem_comp.name
_chem_comp.formula
MG non-polymer 'MAGNESIUM ION' 'Mg 2'
#
# COMPACT_ATOMS: atom_id res chain seq x y z
N GLU A 3 29.18 7.32 16.12
CA GLU A 3 27.88 7.60 16.73
C GLU A 3 26.85 6.49 16.50
N VAL A 4 26.04 6.62 15.44
CA VAL A 4 25.01 5.62 15.15
C VAL A 4 25.58 4.27 14.73
N PHE A 5 26.58 4.29 13.86
CA PHE A 5 27.19 3.05 13.41
C PHE A 5 28.64 3.06 13.89
N GLN A 6 28.87 2.30 14.95
CA GLN A 6 30.19 2.20 15.58
C GLN A 6 30.91 0.87 15.37
N ASN A 7 30.19 -0.22 15.60
CA ASN A 7 30.78 -1.55 15.46
C ASN A 7 31.47 -1.79 14.12
N GLU A 8 32.66 -2.36 14.18
CA GLU A 8 33.46 -2.66 13.00
C GLU A 8 32.80 -3.67 12.07
N THR A 9 32.21 -4.72 12.62
CA THR A 9 31.55 -5.73 11.80
C THR A 9 30.37 -5.09 11.08
N ILE A 10 29.69 -4.20 11.79
CA ILE A 10 28.54 -3.48 11.23
C ILE A 10 29.00 -2.56 10.07
N LYS A 11 30.14 -1.91 10.22
CA LYS A 11 30.65 -1.02 9.17
C LYS A 11 31.04 -1.80 7.92
N GLN A 12 31.66 -2.97 8.11
CA GLN A 12 32.08 -3.78 6.97
C GLN A 12 30.83 -4.17 6.18
N ILE A 13 29.75 -4.43 6.91
CA ILE A 13 28.50 -4.81 6.29
C ILE A 13 27.92 -3.65 5.49
N LEU A 14 27.84 -2.48 6.11
CA LEU A 14 27.29 -1.30 5.45
C LEU A 14 28.06 -0.92 4.19
N ALA A 15 29.37 -1.15 4.20
CA ALA A 15 30.20 -0.85 3.03
C ALA A 15 29.83 -1.77 1.87
N LYS A 16 29.63 -3.06 2.16
CA LYS A 16 29.23 -3.99 1.11
C LYS A 16 27.80 -3.69 0.70
N TYR A 17 26.94 -3.39 1.67
CA TYR A 17 25.54 -3.09 1.40
C TYR A 17 25.33 -1.92 0.41
N ARG A 18 26.26 -0.98 0.42
CA ARG A 18 26.18 0.17 -0.48
C ARG A 18 25.96 -0.26 -1.93
N ARG A 19 26.69 -1.28 -2.35
CA ARG A 19 26.58 -1.83 -3.70
C ARG A 19 25.18 -2.34 -3.94
N ILE A 20 24.69 -3.12 -2.98
CA ILE A 20 23.36 -3.67 -3.08
C ILE A 20 22.40 -2.48 -3.13
N TRP A 21 22.63 -1.50 -2.25
CA TRP A 21 21.78 -0.31 -2.21
C TRP A 21 21.80 0.41 -3.56
N ALA A 22 22.98 0.52 -4.17
CA ALA A 22 23.09 1.21 -5.46
C ALA A 22 22.28 0.53 -6.58
N ILE A 23 22.32 -0.80 -6.64
CA ILE A 23 21.55 -1.50 -7.66
C ILE A 23 20.06 -1.17 -7.43
N GLY A 24 19.64 -1.10 -6.16
CA GLY A 24 18.26 -0.77 -5.84
C GLY A 24 17.89 0.65 -6.27
N HIS A 25 18.81 1.58 -6.04
CA HIS A 25 18.59 2.96 -6.45
C HIS A 25 18.32 2.89 -7.95
N ALA A 26 19.20 2.17 -8.64
CA ALA A 26 19.07 2.02 -10.09
C ALA A 26 17.74 1.36 -10.46
N GLN A 27 17.33 0.30 -9.76
CA GLN A 27 16.07 -0.36 -10.09
C GLN A 27 14.88 0.60 -9.99
N SER A 28 14.87 1.45 -8.96
CA SER A 28 13.78 2.42 -8.78
C SER A 28 13.70 3.40 -9.93
N VAL A 29 14.85 3.93 -10.31
CA VAL A 29 14.90 4.88 -11.40
C VAL A 29 14.39 4.22 -12.68
N LEU A 30 14.77 2.97 -12.90
CA LEU A 30 14.35 2.22 -14.07
C LEU A 30 12.84 2.04 -14.12
N GLY A 31 12.26 1.58 -13.00
CA GLY A 31 10.83 1.37 -12.93
C GLY A 31 10.05 2.66 -13.06
N TRP A 32 10.49 3.69 -12.35
CA TRP A 32 9.82 4.98 -12.44
C TRP A 32 9.84 5.48 -13.87
N ASP A 33 11.02 5.46 -14.48
CA ASP A 33 11.15 5.95 -15.85
C ASP A 33 10.32 5.13 -16.82
N LEU A 34 10.29 3.82 -16.60
CA LEU A 34 9.50 2.96 -17.46
C LEU A 34 8.05 3.45 -17.48
N GLU A 35 7.50 3.78 -16.30
CA GLU A 35 6.12 4.26 -16.18
C GLU A 35 5.87 5.69 -16.65
N VAL A 36 6.82 6.57 -16.39
CA VAL A 36 6.65 7.98 -16.71
C VAL A 36 7.24 8.56 -18.00
N ASN A 37 8.41 8.08 -18.43
CA ASN A 37 9.02 8.66 -19.63
C ASN A 37 9.31 7.79 -20.83
N MET A 38 9.72 6.55 -20.58
CA MET A 38 10.13 5.61 -21.61
C MET A 38 9.31 5.50 -22.90
N PRO A 39 9.99 5.64 -24.06
CA PRO A 39 9.24 5.52 -25.32
C PRO A 39 8.75 4.09 -25.31
N LYS A 40 7.55 3.84 -25.81
CA LYS A 40 6.98 2.51 -25.75
C LYS A 40 7.83 1.33 -26.16
N GLU A 41 8.51 1.43 -27.29
CA GLU A 41 9.33 0.33 -27.72
C GLU A 41 10.60 0.09 -26.90
N GLY A 42 10.90 0.96 -25.94
CA GLY A 42 12.10 0.71 -25.15
C GLY A 42 11.91 -0.39 -24.11
N ILE A 43 10.71 -0.97 -24.06
CA ILE A 43 10.38 -1.99 -23.07
C ILE A 43 11.22 -3.26 -23.08
N LEU A 44 11.56 -3.80 -24.25
CA LEU A 44 12.35 -5.02 -24.23
C LEU A 44 13.72 -4.83 -23.59
N GLU A 45 14.40 -3.74 -23.93
CA GLU A 45 15.72 -3.50 -23.38
C GLU A 45 15.65 -3.10 -21.91
N ARG A 46 14.62 -2.35 -21.54
CA ARG A 46 14.44 -1.98 -20.14
C ARG A 46 14.25 -3.26 -19.33
N SER A 47 13.39 -4.15 -19.83
CA SER A 47 13.08 -5.42 -19.16
C SER A 47 14.29 -6.31 -18.90
N VAL A 48 15.13 -6.51 -19.91
CA VAL A 48 16.31 -7.34 -19.73
C VAL A 48 17.26 -6.68 -18.74
N ALA A 49 17.34 -5.35 -18.78
CA ALA A 49 18.22 -4.64 -17.85
C ALA A 49 17.69 -4.83 -16.42
N GLN A 50 16.39 -4.71 -16.24
CA GLN A 50 15.79 -4.90 -14.91
C GLN A 50 16.07 -6.32 -14.43
N GLY A 51 15.97 -7.29 -15.35
CA GLY A 51 16.20 -8.68 -14.99
C GLY A 51 17.65 -9.02 -14.60
N GLU A 52 18.61 -8.53 -15.36
CA GLU A 52 20.00 -8.80 -15.07
C GLU A 52 20.38 -8.26 -13.68
N LEU A 53 19.89 -7.06 -13.37
CA LEU A 53 20.17 -6.43 -12.07
C LEU A 53 19.54 -7.18 -10.90
N SER A 54 18.33 -7.70 -11.09
CA SER A 54 17.67 -8.45 -10.01
C SER A 54 18.48 -9.68 -9.68
N VAL A 55 19.00 -10.34 -10.71
CA VAL A 55 19.82 -11.52 -10.46
C VAL A 55 21.14 -11.10 -9.83
N LEU A 56 21.67 -9.95 -10.24
CA LEU A 56 22.94 -9.49 -9.70
C LEU A 56 22.76 -9.16 -8.23
N SER A 57 21.67 -8.45 -7.95
CA SER A 57 21.35 -8.03 -6.60
C SER A 57 21.26 -9.24 -5.65
N HIS A 58 20.44 -10.22 -6.04
CA HIS A 58 20.23 -11.45 -5.27
C HIS A 58 21.56 -12.16 -5.04
N GLU A 59 22.42 -12.14 -6.06
CA GLU A 59 23.72 -12.77 -5.98
C GLU A 59 24.59 -12.10 -4.92
N LEU A 60 24.56 -10.76 -4.89
CA LEU A 60 25.35 -10.00 -3.92
C LEU A 60 24.84 -10.19 -2.48
N LEU A 61 23.53 -10.25 -2.33
CA LEU A 61 22.94 -10.42 -1.01
C LEU A 61 23.31 -11.78 -0.41
N LEU A 62 23.46 -12.78 -1.26
CA LEU A 62 23.77 -14.11 -0.78
C LEU A 62 25.23 -14.53 -0.93
N HIS A 63 26.12 -13.57 -1.19
CA HIS A 63 27.52 -13.89 -1.32
C HIS A 63 28.02 -14.38 0.05
N PRO A 64 28.85 -15.43 0.08
CA PRO A 64 29.36 -15.97 1.35
C PRO A 64 29.90 -14.89 2.30
N GLU A 65 30.67 -13.96 1.74
CA GLU A 65 31.23 -12.87 2.54
C GLU A 65 30.15 -12.09 3.26
N PHE A 66 29.14 -11.64 2.52
CA PHE A 66 28.06 -10.87 3.11
C PHE A 66 27.30 -11.69 4.15
N VAL A 67 26.91 -12.91 3.79
CA VAL A 67 26.18 -13.75 4.73
C VAL A 67 27.01 -14.03 5.98
N ASN A 68 28.30 -14.34 5.80
CA ASN A 68 29.18 -14.61 6.95
C ASN A 68 29.20 -13.42 7.91
N LEU A 69 29.31 -12.21 7.37
CA LEU A 69 29.33 -11.00 8.18
C LEU A 69 28.07 -10.82 9.00
N VAL A 70 26.92 -11.03 8.37
CA VAL A 70 25.63 -10.90 9.05
C VAL A 70 25.51 -11.92 10.18
N GLU A 71 25.93 -13.15 9.91
CA GLU A 71 25.89 -14.19 10.92
C GLU A 71 26.77 -13.78 12.09
N LYS A 72 28.00 -13.36 11.77
CA LYS A 72 28.95 -12.93 12.78
C LYS A 72 28.39 -11.83 13.67
N ALA A 73 27.92 -10.75 13.04
CA ALA A 73 27.36 -9.62 13.79
C ALA A 73 26.17 -10.06 14.63
N LYS A 74 25.40 -11.01 14.10
CA LYS A 74 24.23 -11.51 14.80
C LYS A 74 24.72 -12.16 16.10
N GLY A 75 26.00 -12.49 16.11
CA GLY A 75 26.60 -13.10 17.29
C GLY A 75 27.34 -12.09 18.14
N LEU A 76 26.93 -10.83 18.08
CA LEU A 76 27.56 -9.79 18.87
C LEU A 76 26.49 -9.21 19.85
N GLU A 77 26.88 -8.92 21.08
CA GLU A 77 25.92 -8.47 22.14
C GLU A 77 26.17 -7.02 22.63
N ASN A 78 27.10 -6.43 21.97
CA ASN A 78 27.65 -5.10 22.27
C ASN A 78 26.85 -3.98 21.54
N LEU A 79 26.15 -4.42 20.52
CA LEU A 79 25.47 -3.56 19.54
C LEU A 79 24.23 -2.77 19.98
N ASN A 80 24.15 -1.51 19.53
CA ASN A 80 23.01 -0.64 19.86
C ASN A 80 21.80 -1.05 19.02
N GLU A 81 20.67 -0.39 19.24
CA GLU A 81 19.44 -0.69 18.50
C GLU A 81 19.59 -0.53 16.99
N TYR A 82 20.26 0.53 16.58
CA TYR A 82 20.46 0.82 15.16
C TYR A 82 21.24 -0.30 14.46
N GLU A 83 22.44 -0.59 14.97
CA GLU A 83 23.26 -1.64 14.40
C GLU A 83 22.50 -2.96 14.45
N ARG A 84 21.66 -3.12 15.46
CA ARG A 84 20.87 -4.34 15.62
C ARG A 84 19.82 -4.37 14.53
N GLY A 85 19.23 -3.21 14.25
CA GLY A 85 18.21 -3.12 13.22
C GLY A 85 18.77 -3.58 11.90
N ILE A 86 20.04 -3.24 11.66
CA ILE A 86 20.72 -3.61 10.43
C ILE A 86 20.68 -5.12 10.26
N VAL A 87 21.07 -5.83 11.33
CA VAL A 87 21.10 -7.28 11.33
C VAL A 87 19.72 -7.92 11.20
N ARG A 88 18.76 -7.46 12.00
CA ARG A 88 17.41 -8.04 11.92
C ARG A 88 16.92 -7.96 10.48
N VAL A 89 16.98 -6.77 9.91
CA VAL A 89 16.54 -6.55 8.54
C VAL A 89 17.30 -7.41 7.53
N LEU A 90 18.61 -7.38 7.59
CA LEU A 90 19.41 -8.17 6.66
C LEU A 90 19.26 -9.66 6.88
N ASP A 91 19.05 -10.08 8.13
CA ASP A 91 18.88 -11.51 8.40
C ASP A 91 17.59 -11.99 7.73
N ARG A 92 16.54 -11.19 7.82
CA ARG A 92 15.26 -11.54 7.21
C ARG A 92 15.37 -11.62 5.68
N SER A 93 16.17 -10.73 5.09
CA SER A 93 16.34 -10.72 3.64
C SER A 93 17.12 -11.92 3.15
N ILE A 94 18.27 -12.18 3.77
CA ILE A 94 19.10 -13.31 3.40
C ILE A 94 18.30 -14.59 3.58
N ARG A 95 17.52 -14.64 4.66
CA ARG A 95 16.68 -15.78 4.95
C ARG A 95 15.67 -15.97 3.83
N ILE A 96 14.84 -14.95 3.59
CA ILE A 96 13.83 -15.03 2.54
C ILE A 96 14.45 -15.37 1.20
N ALA A 97 15.56 -14.71 0.86
CA ALA A 97 16.22 -14.93 -0.41
C ALA A 97 16.71 -16.37 -0.62
N ARG A 98 17.20 -17.03 0.43
CA ARG A 98 17.68 -18.39 0.25
C ARG A 98 16.65 -19.49 0.51
N ALA A 99 15.41 -19.10 0.74
CA ALA A 99 14.34 -20.07 1.01
C ALA A 99 13.92 -20.74 -0.30
N PHE A 100 13.99 -19.97 -1.39
CA PHE A 100 13.60 -20.47 -2.70
C PHE A 100 14.75 -21.02 -3.54
N PRO A 101 14.62 -22.28 -3.99
CA PRO A 101 15.67 -22.89 -4.80
C PRO A 101 15.73 -22.10 -6.12
N PRO A 102 16.94 -21.87 -6.65
CA PRO A 102 17.05 -21.12 -7.91
C PRO A 102 16.10 -21.65 -8.99
N GLU A 103 15.82 -22.96 -8.97
CA GLU A 103 14.92 -23.49 -9.96
C GLU A 103 13.50 -23.02 -9.72
N PHE A 104 13.13 -22.91 -8.45
CA PHE A 104 11.79 -22.47 -8.08
C PHE A 104 11.59 -21.00 -8.45
N ILE A 105 12.60 -20.19 -8.17
CA ILE A 105 12.53 -18.77 -8.50
C ILE A 105 12.30 -18.67 -10.01
N ARG A 106 12.88 -19.59 -10.76
CA ARG A 106 12.73 -19.61 -12.20
C ARG A 106 11.30 -19.96 -12.57
N GLU A 107 10.81 -21.07 -12.04
CA GLU A 107 9.46 -21.53 -12.31
C GLU A 107 8.47 -20.39 -12.10
N VAL A 108 8.56 -19.72 -10.95
CA VAL A 108 7.67 -18.62 -10.61
C VAL A 108 7.73 -17.47 -11.61
N SER A 109 8.94 -17.05 -11.97
CA SER A 109 9.09 -15.98 -12.93
C SER A 109 8.39 -16.35 -14.22
N GLU A 110 8.71 -17.54 -14.74
CA GLU A 110 8.09 -18.02 -15.97
C GLU A 110 6.58 -18.04 -15.86
N THR A 111 6.06 -18.86 -14.95
CA THR A 111 4.63 -18.98 -14.75
C THR A 111 3.96 -17.62 -14.54
N THR A 112 4.52 -16.81 -13.66
CA THR A 112 3.98 -15.49 -13.38
C THR A 112 3.84 -14.65 -14.65
N SER A 113 4.95 -14.48 -15.38
CA SER A 113 4.93 -13.70 -16.61
C SER A 113 3.82 -14.14 -17.54
N LEU A 114 3.75 -15.44 -17.81
CA LEU A 114 2.73 -15.97 -18.69
C LEU A 114 1.33 -15.87 -18.11
N ALA A 115 1.23 -15.96 -16.79
CA ALA A 115 -0.08 -15.89 -16.15
C ALA A 115 -0.62 -14.47 -16.20
N THR A 116 0.26 -13.48 -16.10
CA THR A 116 -0.16 -12.09 -16.14
C THR A 116 -0.72 -11.77 -17.53
N LYS A 117 -0.02 -12.23 -18.56
CA LYS A 117 -0.44 -11.99 -19.94
C LYS A 117 -1.77 -12.69 -20.20
N ALA A 118 -1.92 -13.90 -19.66
CA ALA A 118 -3.15 -14.65 -19.84
C ALA A 118 -4.31 -14.02 -19.06
N TRP A 119 -3.97 -13.43 -17.91
CA TRP A 119 -4.97 -12.78 -17.07
C TRP A 119 -5.39 -11.48 -17.75
N GLU A 120 -4.41 -10.83 -18.39
CA GLU A 120 -4.65 -9.57 -19.06
C GLU A 120 -5.68 -9.65 -20.20
N GLU A 121 -5.62 -10.71 -21.00
CA GLU A 121 -6.59 -10.85 -22.08
C GLU A 121 -7.89 -11.41 -21.51
N ALA A 122 -7.77 -12.30 -20.52
CA ALA A 122 -8.94 -12.90 -19.89
C ALA A 122 -9.88 -11.86 -19.25
N LYS A 123 -9.30 -10.80 -18.68
CA LYS A 123 -10.10 -9.73 -18.05
C LYS A 123 -10.81 -8.92 -19.12
N ALA A 124 -10.07 -8.62 -20.18
CA ALA A 124 -10.62 -7.84 -21.28
C ALA A 124 -11.72 -8.58 -22.04
N LYS A 125 -11.53 -9.87 -22.29
CA LYS A 125 -12.53 -10.65 -23.01
C LYS A 125 -13.49 -11.40 -22.07
N ASP A 126 -13.47 -11.01 -20.80
CA ASP A 126 -14.34 -11.64 -19.80
C ASP A 126 -14.39 -13.16 -19.89
N ASP A 127 -13.24 -13.81 -19.91
CA ASP A 127 -13.22 -15.26 -20.00
C ASP A 127 -12.28 -15.88 -18.98
N PHE A 128 -12.86 -16.49 -17.95
CA PHE A 128 -12.09 -17.11 -16.88
C PHE A 128 -11.34 -18.36 -17.32
N SER A 129 -11.82 -19.02 -18.37
CA SER A 129 -11.15 -20.23 -18.84
C SER A 129 -9.71 -19.92 -19.28
N LYS A 130 -9.48 -18.73 -19.85
CA LYS A 130 -8.14 -18.37 -20.29
C LYS A 130 -7.16 -18.13 -19.15
N PHE A 131 -7.67 -17.95 -17.92
CA PHE A 131 -6.80 -17.72 -16.78
C PHE A 131 -6.83 -18.90 -15.80
N GLU A 132 -7.96 -19.59 -15.76
CA GLU A 132 -8.16 -20.73 -14.87
C GLU A 132 -6.95 -21.65 -14.65
N PRO A 133 -6.47 -22.33 -15.70
CA PRO A 133 -5.31 -23.20 -15.49
C PRO A 133 -4.12 -22.46 -14.87
N TRP A 134 -3.91 -21.21 -15.27
CA TRP A 134 -2.82 -20.41 -14.72
C TRP A 134 -3.02 -20.18 -13.24
N LEU A 135 -4.29 -20.07 -12.82
CA LEU A 135 -4.59 -19.85 -11.41
C LEU A 135 -4.27 -21.10 -10.60
N ASP A 136 -4.48 -22.28 -11.19
CA ASP A 136 -4.18 -23.52 -10.49
C ASP A 136 -2.67 -23.65 -10.34
N LYS A 137 -1.92 -23.20 -11.34
CA LYS A 137 -0.47 -23.27 -11.27
C LYS A 137 0.04 -22.31 -10.19
N ILE A 138 -0.59 -21.16 -10.08
CA ILE A 138 -0.17 -20.17 -9.08
C ILE A 138 -0.55 -20.63 -7.67
N ILE A 139 -1.63 -21.38 -7.54
CA ILE A 139 -2.02 -21.89 -6.23
C ILE A 139 -0.97 -22.90 -5.76
N SER A 140 -0.54 -23.75 -6.68
CA SER A 140 0.47 -24.75 -6.34
C SER A 140 1.79 -24.09 -5.94
N LEU A 141 2.16 -23.01 -6.63
CA LEU A 141 3.40 -22.30 -6.33
C LEU A 141 3.31 -21.65 -4.94
N ALA A 142 2.14 -21.09 -4.62
CA ALA A 142 1.93 -20.45 -3.33
C ALA A 142 2.12 -21.44 -2.17
N LYS A 143 1.52 -22.63 -2.30
CA LYS A 143 1.63 -23.65 -1.26
C LYS A 143 3.09 -24.05 -1.13
N ARG A 144 3.74 -24.35 -2.25
CA ARG A 144 5.15 -24.73 -2.21
C ARG A 144 5.92 -23.63 -1.46
N ALA A 145 5.70 -22.38 -1.85
CA ALA A 145 6.37 -21.24 -1.24
C ALA A 145 6.20 -21.19 0.27
N ALA A 146 5.00 -21.52 0.72
CA ALA A 146 4.71 -21.53 2.14
C ALA A 146 5.60 -22.58 2.82
N GLU A 147 5.76 -23.74 2.17
CA GLU A 147 6.59 -24.81 2.71
C GLU A 147 8.07 -24.43 2.68
N TYR A 148 8.49 -23.71 1.64
CA TYR A 148 9.89 -23.29 1.55
C TYR A 148 10.21 -22.25 2.63
N LEU A 149 9.26 -21.36 2.88
CA LEU A 149 9.42 -20.32 3.89
C LEU A 149 9.35 -20.87 5.32
N GLY A 150 8.40 -21.76 5.57
CA GLY A 150 8.23 -22.33 6.88
C GLY A 150 7.13 -21.60 7.62
N TYR A 151 6.47 -22.27 8.57
CA TYR A 151 5.38 -21.64 9.32
C TYR A 151 4.98 -22.48 10.52
N GLU A 152 4.53 -21.84 11.59
CA GLU A 152 4.13 -22.57 12.78
C GLU A 152 2.72 -23.14 12.67
N GLU A 153 1.72 -22.26 12.64
CA GLU A 153 0.32 -22.66 12.57
C GLU A 153 -0.17 -23.06 11.19
N GLU A 154 -0.41 -22.08 10.34
CA GLU A 154 -0.91 -22.30 8.98
C GLU A 154 0.10 -21.95 7.89
N PRO A 155 -0.05 -22.56 6.70
CA PRO A 155 0.83 -22.30 5.57
C PRO A 155 0.62 -20.84 5.13
N TYR A 156 -0.60 -20.36 5.30
CA TYR A 156 -0.94 -19.00 4.91
C TYR A 156 -0.22 -17.96 5.76
N ASP A 157 0.33 -18.38 6.90
CA ASP A 157 1.06 -17.46 7.77
C ASP A 157 2.36 -17.07 7.07
N ALA A 158 2.93 -18.02 6.34
CA ALA A 158 4.18 -17.82 5.62
C ALA A 158 4.06 -16.82 4.47
N LEU A 159 2.91 -16.80 3.80
CA LEU A 159 2.71 -15.86 2.70
C LEU A 159 2.44 -14.47 3.26
N LEU A 160 1.66 -14.44 4.33
CA LEU A 160 1.30 -13.21 5.01
C LEU A 160 2.58 -12.54 5.54
N ASP A 161 3.43 -13.34 6.17
CA ASP A 161 4.68 -12.86 6.74
C ASP A 161 5.63 -12.37 5.65
N LEU A 162 5.40 -12.86 4.44
CA LEU A 162 6.21 -12.49 3.28
C LEU A 162 5.95 -11.03 2.93
N TYR A 163 4.70 -10.60 3.05
CA TYR A 163 4.31 -9.24 2.70
C TYR A 163 4.16 -8.28 3.86
N GLU A 164 4.12 -8.81 5.07
CA GLU A 164 3.99 -7.98 6.27
C GLU A 164 4.72 -8.69 7.41
N GLU A 165 5.98 -8.34 7.57
CA GLU A 165 6.84 -8.93 8.59
C GLU A 165 6.12 -9.16 9.91
N GLY A 166 6.05 -10.41 10.33
CA GLY A 166 5.41 -10.74 11.60
C GLY A 166 3.90 -10.91 11.56
N LEU A 167 3.28 -10.70 10.40
CA LEU A 167 1.83 -10.86 10.30
C LEU A 167 1.49 -12.36 10.32
N ARG A 168 0.43 -12.72 11.03
CA ARG A 168 0.01 -14.12 11.13
C ARG A 168 -1.43 -14.23 10.70
N THR A 169 -1.87 -15.43 10.34
CA THR A 169 -3.25 -15.62 9.92
C THR A 169 -4.19 -15.23 11.07
N ARG A 170 -3.81 -15.61 12.29
CA ARG A 170 -4.60 -15.31 13.48
C ARG A 170 -4.80 -13.80 13.60
N ASP A 171 -3.77 -13.03 13.27
CA ASP A 171 -3.88 -11.57 13.31
C ASP A 171 -5.02 -11.12 12.38
N VAL A 172 -4.92 -11.53 11.13
CA VAL A 172 -5.91 -11.17 10.11
C VAL A 172 -7.30 -11.69 10.45
N GLU A 173 -7.34 -12.89 10.98
CA GLU A 173 -8.61 -13.51 11.35
C GLU A 173 -9.33 -12.61 12.35
N LYS A 174 -8.56 -12.06 13.29
CA LYS A 174 -9.08 -11.19 14.34
C LYS A 174 -9.65 -9.84 13.90
N MET A 175 -8.86 -9.06 13.17
CA MET A 175 -9.32 -7.75 12.74
C MET A 175 -10.61 -7.84 11.93
N PHE A 176 -10.71 -8.86 11.09
CA PHE A 176 -11.90 -9.02 10.27
C PHE A 176 -13.13 -9.48 11.06
N GLU A 177 -12.92 -10.07 12.24
CA GLU A 177 -14.04 -10.51 13.08
C GLU A 177 -14.67 -9.24 13.66
N VAL A 178 -13.82 -8.36 14.19
CA VAL A 178 -14.27 -7.11 14.77
C VAL A 178 -14.98 -6.26 13.72
N LEU A 179 -14.56 -6.37 12.47
CA LEU A 179 -15.18 -5.62 11.38
C LEU A 179 -16.53 -6.22 10.99
N GLU A 180 -16.56 -7.54 10.80
CA GLU A 180 -17.81 -8.19 10.43
C GLU A 180 -18.96 -8.06 11.43
N LYS A 181 -18.66 -7.88 12.70
CA LYS A 181 -19.71 -7.75 13.71
C LYS A 181 -19.99 -6.29 14.10
N LYS A 182 -19.01 -5.42 13.90
CA LYS A 182 -19.19 -4.01 14.27
C LYS A 182 -19.23 -3.03 13.12
N LEU A 183 -18.48 -3.31 12.05
CA LEU A 183 -18.45 -2.41 10.90
C LEU A 183 -19.58 -2.72 9.93
N LYS A 184 -19.87 -4.00 9.75
CA LYS A 184 -20.93 -4.43 8.84
C LYS A 184 -22.27 -3.76 9.14
N PRO A 185 -22.74 -3.87 10.40
CA PRO A 185 -24.02 -3.24 10.71
C PRO A 185 -24.01 -1.74 10.45
N LEU A 186 -22.93 -1.08 10.84
CA LEU A 186 -22.78 0.36 10.64
C LEU A 186 -23.04 0.67 9.17
N LEU A 187 -22.53 -0.19 8.29
CA LEU A 187 -22.73 0.00 6.87
C LEU A 187 -24.22 -0.06 6.54
N ASP A 188 -24.86 -1.14 6.94
CA ASP A 188 -26.29 -1.32 6.70
C ASP A 188 -27.09 -0.10 7.15
N LYS A 189 -26.82 0.37 8.37
CA LYS A 189 -27.52 1.53 8.90
C LYS A 189 -27.29 2.75 8.02
N ILE A 190 -26.03 2.99 7.66
CA ILE A 190 -25.67 4.13 6.81
C ILE A 190 -26.44 4.06 5.49
N LEU A 191 -26.41 2.89 4.86
CA LEU A 191 -27.07 2.67 3.59
C LEU A 191 -28.58 2.81 3.61
N GLU A 192 -29.20 2.57 4.77
CA GLU A 192 -30.66 2.65 4.85
C GLU A 192 -31.26 3.99 5.27
N GLU A 193 -30.45 4.87 5.87
CA GLU A 193 -30.99 6.15 6.29
C GLU A 193 -30.94 7.23 5.21
N GLY A 194 -30.38 6.91 4.06
CA GLY A 194 -30.30 7.88 2.99
C GLY A 194 -29.40 9.04 3.39
N LYS A 195 -28.70 8.88 4.52
CA LYS A 195 -27.79 9.90 4.99
C LYS A 195 -26.94 10.38 3.82
N VAL A 196 -25.77 9.76 3.64
CA VAL A 196 -24.89 10.12 2.54
C VAL A 196 -25.41 9.45 1.27
N PRO A 197 -25.24 10.12 0.12
CA PRO A 197 -25.70 9.56 -1.16
C PRO A 197 -24.81 8.45 -1.72
N ARG A 198 -25.35 7.71 -2.67
CA ARG A 198 -24.62 6.62 -3.29
C ARG A 198 -23.91 7.10 -4.55
N GLU A 199 -24.20 8.33 -4.95
CA GLU A 199 -23.61 8.93 -6.13
C GLU A 199 -23.74 10.44 -6.06
N HIS A 200 -23.05 11.15 -6.95
CA HIS A 200 -23.10 12.61 -6.96
C HIS A 200 -22.91 13.11 -8.39
N PRO A 201 -23.59 14.20 -8.77
CA PRO A 201 -23.44 14.71 -10.14
C PRO A 201 -22.01 15.15 -10.49
N LEU A 202 -21.23 15.52 -9.48
CA LEU A 202 -19.86 15.95 -9.68
C LEU A 202 -19.00 14.84 -10.30
N GLU A 203 -19.48 13.61 -10.23
CA GLU A 203 -18.76 12.47 -10.80
C GLU A 203 -18.75 12.56 -12.33
N LYS A 204 -19.74 13.24 -12.89
CA LYS A 204 -19.84 13.36 -14.33
C LYS A 204 -19.19 14.62 -14.91
N GLU A 205 -18.93 15.58 -14.05
CA GLU A 205 -18.30 16.81 -14.51
C GLU A 205 -16.92 16.54 -15.12
N LYS A 206 -16.76 16.93 -16.38
CA LYS A 206 -15.51 16.77 -17.10
C LYS A 206 -14.58 17.96 -16.84
N TYR A 207 -13.28 17.75 -17.00
CA TYR A 207 -12.31 18.82 -16.81
C TYR A 207 -11.14 18.63 -17.77
N GLU A 208 -10.42 19.71 -18.05
CA GLU A 208 -9.25 19.63 -18.91
C GLU A 208 -8.04 19.42 -18.01
N ARG A 209 -7.14 18.51 -18.40
CA ARG A 209 -5.97 18.21 -17.59
C ARG A 209 -5.36 19.38 -16.81
N GLU A 210 -4.96 20.43 -17.52
CA GLU A 210 -4.33 21.58 -16.87
C GLU A 210 -5.10 22.16 -15.68
N TRP A 211 -6.43 22.07 -15.71
CA TRP A 211 -7.22 22.60 -14.61
C TRP A 211 -6.90 21.89 -13.29
N MET A 212 -6.95 20.56 -13.31
CA MET A 212 -6.69 19.78 -12.11
C MET A 212 -5.22 19.74 -11.72
N GLU A 213 -4.32 19.87 -12.69
CA GLU A 213 -2.92 19.85 -12.32
C GLU A 213 -2.59 21.14 -11.56
N ARG A 214 -3.39 22.18 -11.76
CA ARG A 214 -3.20 23.43 -11.04
C ARG A 214 -3.69 23.20 -9.60
N VAL A 215 -4.78 22.45 -9.46
CA VAL A 215 -5.33 22.16 -8.14
C VAL A 215 -4.39 21.22 -7.37
N ASN A 216 -3.97 20.13 -8.01
CA ASN A 216 -3.06 19.20 -7.34
C ASN A 216 -1.77 19.92 -6.91
N LEU A 217 -1.19 20.71 -7.80
CA LEU A 217 0.04 21.45 -7.51
C LEU A 217 -0.15 22.33 -6.25
N TRP A 218 -1.27 23.04 -6.21
CA TRP A 218 -1.59 23.93 -5.10
C TRP A 218 -1.68 23.16 -3.79
N ILE A 219 -2.33 22.00 -3.84
CA ILE A 219 -2.48 21.19 -2.63
C ILE A 219 -1.12 20.69 -2.15
N LEU A 220 -0.28 20.21 -3.08
CA LEU A 220 1.02 19.71 -2.66
C LEU A 220 1.89 20.82 -2.03
N GLN A 221 1.78 22.06 -2.54
CA GLN A 221 2.56 23.15 -1.96
C GLN A 221 1.98 23.49 -0.57
N LYS A 222 0.67 23.30 -0.42
CA LYS A 222 0.05 23.57 0.87
C LYS A 222 0.53 22.55 1.89
N PHE A 223 0.83 21.34 1.41
CA PHE A 223 1.33 20.27 2.27
C PHE A 223 2.83 20.45 2.54
N GLY A 224 3.47 21.33 1.77
CA GLY A 224 4.90 21.52 1.94
C GLY A 224 5.72 20.46 1.20
N PHE A 225 5.10 19.83 0.20
CA PHE A 225 5.77 18.81 -0.61
C PHE A 225 6.94 19.57 -1.27
N PRO A 226 8.18 19.16 -0.99
CA PRO A 226 9.40 19.79 -1.53
C PRO A 226 9.73 19.58 -3.01
N LEU A 227 8.90 20.13 -3.89
CA LEU A 227 9.08 20.02 -5.33
C LEU A 227 10.38 20.64 -5.85
N GLY A 228 11.01 19.96 -6.81
CA GLY A 228 12.24 20.46 -7.41
C GLY A 228 13.46 20.42 -6.50
N THR A 229 13.24 20.18 -5.21
CA THR A 229 14.34 20.12 -4.28
C THR A 229 14.60 18.68 -3.80
N ARG A 230 13.53 17.99 -3.40
CA ARG A 230 13.63 16.61 -2.92
C ARG A 230 12.51 15.74 -3.50
N ALA A 231 11.63 16.32 -4.31
CA ALA A 231 10.54 15.52 -4.85
C ALA A 231 10.00 16.01 -6.17
N ARG A 232 9.20 15.14 -6.79
CA ARG A 232 8.58 15.42 -8.07
C ARG A 232 7.17 14.83 -8.12
N LEU A 233 6.35 15.41 -8.98
CA LEU A 233 5.00 14.93 -9.25
C LEU A 233 4.92 14.82 -10.77
N ASP A 234 4.55 13.64 -11.25
CA ASP A 234 4.42 13.38 -12.68
C ASP A 234 3.17 12.54 -12.91
N VAL A 235 2.91 12.21 -14.17
CA VAL A 235 1.76 11.42 -14.54
C VAL A 235 2.21 10.01 -15.00
N SER A 236 1.37 9.00 -14.72
CA SER A 236 1.63 7.63 -15.13
C SER A 236 0.30 6.87 -15.16
N ALA A 237 0.25 5.70 -15.79
CA ALA A 237 -1.00 4.95 -15.90
C ALA A 237 -1.67 4.73 -14.54
N HIS A 238 -0.87 4.44 -13.51
CA HIS A 238 -1.39 4.21 -12.16
C HIS A 238 -0.52 4.95 -11.15
N PRO A 239 -1.15 5.69 -10.22
CA PRO A 239 -0.43 6.46 -9.20
C PRO A 239 0.43 5.57 -8.30
N PHE A 240 1.65 6.02 -8.05
CA PHE A 240 2.56 5.29 -7.16
C PHE A 240 3.57 6.25 -6.57
N THR A 241 4.37 5.73 -5.64
CA THR A 241 5.40 6.51 -4.97
C THR A 241 6.69 5.72 -5.04
N THR A 242 7.79 6.40 -5.33
CA THR A 242 9.10 5.76 -5.37
C THR A 242 10.09 6.56 -4.56
N GLU A 243 11.08 5.86 -4.03
CA GLU A 243 12.12 6.50 -3.27
C GLU A 243 13.43 6.19 -3.95
N PHE A 244 14.05 7.20 -4.55
CA PHE A 244 15.35 7.00 -5.18
C PHE A 244 16.33 7.22 -4.02
N GLY A 245 15.88 7.99 -3.02
CA GLY A 245 16.68 8.27 -1.85
C GLY A 245 15.87 9.10 -0.85
N ILE A 246 16.49 9.42 0.28
CA ILE A 246 15.82 10.23 1.30
C ILE A 246 15.60 11.64 0.78
N ARG A 247 16.48 12.09 -0.11
CA ARG A 247 16.39 13.43 -0.67
C ARG A 247 15.88 13.40 -2.10
N ASP A 248 15.22 12.32 -2.49
CA ASP A 248 14.69 12.20 -3.84
C ASP A 248 13.53 11.21 -3.83
N VAL A 249 12.31 11.71 -3.60
CA VAL A 249 11.13 10.86 -3.55
C VAL A 249 10.11 11.38 -4.55
N ARG A 250 9.58 10.49 -5.36
CA ARG A 250 8.66 10.88 -6.41
C ARG A 250 7.31 10.17 -6.42
N ILE A 251 6.26 10.93 -6.76
CA ILE A 251 4.92 10.38 -6.83
C ILE A 251 4.30 10.76 -8.16
N THR A 252 3.29 9.99 -8.58
CA THR A 252 2.61 10.28 -9.82
C THR A 252 1.11 10.19 -9.54
N THR A 253 0.32 10.71 -10.46
CA THR A 253 -1.12 10.63 -10.34
C THR A 253 -1.56 10.46 -11.76
N ARG A 254 -2.85 10.52 -12.00
CA ARG A 254 -3.34 10.43 -13.36
C ARG A 254 -4.53 11.33 -13.43
N TYR A 255 -4.84 11.78 -14.64
CA TYR A 255 -5.96 12.65 -14.87
C TYR A 255 -6.94 11.96 -15.80
N GLU A 256 -7.94 11.29 -15.22
CA GLU A 256 -8.96 10.58 -16.00
C GLU A 256 -9.71 11.51 -16.94
N GLY A 257 -9.83 12.78 -16.56
CA GLY A 257 -10.53 13.73 -17.39
C GLY A 257 -11.91 14.03 -16.84
N TYR A 258 -12.34 13.26 -15.84
CA TYR A 258 -13.65 13.46 -15.21
C TYR A 258 -13.58 12.89 -13.79
N ASP A 259 -14.56 13.21 -12.96
CA ASP A 259 -14.60 12.74 -11.57
C ASP A 259 -13.33 13.23 -10.88
N PHE A 260 -13.16 14.55 -10.79
CA PHE A 260 -11.95 15.13 -10.21
C PHE A 260 -11.51 14.67 -8.83
N ARG A 261 -12.40 14.01 -8.10
CA ARG A 261 -12.05 13.51 -6.76
C ARG A 261 -10.90 12.52 -6.87
N ARG A 262 -10.90 11.74 -7.93
CA ARG A 262 -9.89 10.71 -8.15
C ARG A 262 -8.44 11.20 -8.13
N THR A 263 -8.13 12.14 -9.01
CA THR A 263 -6.77 12.64 -9.08
C THR A 263 -6.35 13.34 -7.80
N ILE A 264 -7.30 14.03 -7.17
CA ILE A 264 -6.99 14.74 -5.92
C ILE A 264 -6.63 13.80 -4.78
N LEU A 265 -7.55 12.92 -4.41
CA LEU A 265 -7.29 12.01 -3.29
C LEU A 265 -6.15 11.06 -3.59
N SER A 266 -6.00 10.72 -4.86
CA SER A 266 -4.92 9.84 -5.28
C SER A 266 -3.58 10.51 -5.05
N THR A 267 -3.49 11.81 -5.37
CA THR A 267 -2.25 12.55 -5.19
C THR A 267 -1.94 12.64 -3.69
N VAL A 268 -2.98 12.92 -2.90
CA VAL A 268 -2.86 13.04 -1.45
C VAL A 268 -2.43 11.69 -0.89
N HIS A 269 -3.08 10.63 -1.37
CA HIS A 269 -2.76 9.26 -0.95
C HIS A 269 -1.26 9.05 -1.14
N GLU A 270 -0.78 9.24 -2.38
CA GLU A 270 0.65 9.05 -2.65
C GLU A 270 1.50 10.01 -1.81
N PHE A 271 1.03 11.23 -1.57
CA PHE A 271 1.81 12.17 -0.76
C PHE A 271 2.09 11.52 0.60
N GLY A 272 1.09 10.82 1.13
CA GLY A 272 1.24 10.18 2.42
C GLY A 272 2.37 9.17 2.44
N HIS A 273 2.51 8.44 1.34
CA HIS A 273 3.58 7.46 1.20
C HIS A 273 4.91 8.19 1.17
N ALA A 274 4.96 9.25 0.36
CA ALA A 274 6.17 10.03 0.16
C ALA A 274 6.72 10.72 1.40
N LEU A 275 5.85 11.44 2.13
CA LEU A 275 6.27 12.15 3.34
C LEU A 275 7.02 11.19 4.22
N TYR A 276 6.48 9.98 4.32
CA TYR A 276 7.07 8.91 5.11
C TYR A 276 8.54 8.67 4.71
N GLU A 277 8.76 8.48 3.42
CA GLU A 277 10.11 8.22 2.94
C GLU A 277 10.95 9.49 3.04
N LEU A 278 10.28 10.61 2.84
CA LEU A 278 10.91 11.93 2.91
C LEU A 278 11.37 12.24 4.32
N GLN A 279 10.57 11.86 5.31
CA GLN A 279 10.93 12.13 6.70
C GLN A 279 11.70 11.01 7.37
N GLN A 280 12.62 10.43 6.61
CA GLN A 280 13.46 9.36 7.10
C GLN A 280 14.67 10.00 7.78
N ASP A 281 15.37 9.23 8.60
CA ASP A 281 16.55 9.75 9.32
C ASP A 281 17.78 9.65 8.43
N GLU A 282 18.35 10.79 8.04
CA GLU A 282 19.53 10.79 7.17
C GLU A 282 20.79 10.11 7.72
N ARG A 283 20.81 9.80 9.01
CA ARG A 283 21.99 9.12 9.54
C ARG A 283 21.94 7.65 9.08
N PHE A 284 20.81 7.23 8.51
CA PHE A 284 20.61 5.86 8.02
C PHE A 284 20.77 5.75 6.49
N MET A 285 21.11 6.86 5.85
CA MET A 285 21.28 6.90 4.39
C MET A 285 22.22 5.78 3.90
N PHE A 286 21.80 5.08 2.85
CA PHE A 286 22.58 3.97 2.28
C PHE A 286 22.53 2.65 3.09
N THR A 287 21.75 2.64 4.17
CA THR A 287 21.65 1.45 5.02
C THR A 287 20.27 0.81 4.96
N PRO A 288 20.18 -0.48 5.29
CA PRO A 288 18.90 -1.21 5.28
C PRO A 288 17.84 -0.80 6.30
N ILE A 289 18.16 0.11 7.23
CA ILE A 289 17.16 0.54 8.21
C ILE A 289 16.42 1.80 7.77
N ALA A 290 16.95 2.47 6.76
CA ALA A 290 16.29 3.66 6.23
C ALA A 290 15.09 3.16 5.40
N GLY A 291 13.98 3.90 5.43
CA GLY A 291 12.81 3.50 4.64
C GLY A 291 11.65 2.84 5.37
N GLY A 292 10.44 3.03 4.86
CA GLY A 292 9.25 2.44 5.48
C GLY A 292 9.39 0.97 5.81
N VAL A 293 8.95 0.58 7.00
CA VAL A 293 9.09 -0.80 7.43
C VAL A 293 8.23 -1.88 6.73
N SER A 294 7.05 -1.53 6.24
CA SER A 294 6.21 -2.54 5.59
C SER A 294 5.06 -1.95 4.81
N LEU A 295 4.39 -2.81 4.05
CA LEU A 295 3.22 -2.38 3.28
C LEU A 295 2.12 -1.84 4.16
N GLY A 296 1.92 -2.48 5.31
CA GLY A 296 0.86 -2.03 6.21
C GLY A 296 1.09 -0.69 6.87
N ILE A 297 2.30 -0.45 7.35
CA ILE A 297 2.59 0.84 7.97
C ILE A 297 2.56 1.90 6.87
N HIS A 298 3.02 1.55 5.66
CA HIS A 298 3.01 2.53 4.57
C HIS A 298 1.59 2.94 4.23
N GLU A 299 0.68 1.97 4.17
CA GLU A 299 -0.71 2.29 3.87
C GLU A 299 -1.40 3.01 5.03
N SER A 300 -0.80 3.00 6.22
CA SER A 300 -1.41 3.73 7.32
C SER A 300 -1.13 5.22 7.08
N GLN A 301 -0.05 5.52 6.37
CA GLN A 301 0.33 6.90 6.09
C GLN A 301 -0.45 7.44 4.90
N SER A 302 -0.51 6.66 3.83
CA SER A 302 -1.25 7.09 2.65
C SER A 302 -2.74 7.28 2.98
N ARG A 303 -3.31 6.35 3.74
CA ARG A 303 -4.73 6.45 4.10
C ARG A 303 -4.95 7.55 5.14
N PHE A 304 -3.94 7.82 5.94
CA PHE A 304 -4.07 8.89 6.93
C PHE A 304 -4.32 10.19 6.18
N TRP A 305 -3.46 10.51 5.22
CA TRP A 305 -3.61 11.74 4.46
C TRP A 305 -4.81 11.73 3.53
N GLU A 306 -5.05 10.59 2.89
CA GLU A 306 -6.18 10.51 1.96
C GLU A 306 -7.56 10.59 2.60
N ASN A 307 -7.84 9.68 3.54
CA ASN A 307 -9.17 9.63 4.18
C ASN A 307 -9.34 10.43 5.47
N ILE A 308 -8.38 10.31 6.39
CA ILE A 308 -8.47 11.05 7.64
C ILE A 308 -8.53 12.56 7.39
N ILE A 309 -7.67 13.04 6.49
CA ILE A 309 -7.58 14.47 6.15
C ILE A 309 -8.27 14.85 4.85
N GLY A 310 -7.94 14.13 3.78
CA GLY A 310 -8.51 14.44 2.47
C GLY A 310 -10.01 14.39 2.31
N ARG A 311 -10.70 13.58 3.10
CA ARG A 311 -12.16 13.50 2.98
C ARG A 311 -12.86 14.23 4.13
N SER A 312 -12.07 14.92 4.94
CA SER A 312 -12.61 15.68 6.08
C SER A 312 -13.21 17.00 5.58
N LYS A 313 -14.20 17.51 6.31
CA LYS A 313 -14.86 18.74 5.92
C LYS A 313 -13.88 19.91 5.83
N GLU A 314 -12.90 19.93 6.73
CA GLU A 314 -11.90 20.98 6.76
C GLU A 314 -11.03 21.02 5.50
N PHE A 315 -10.56 19.86 5.05
CA PHE A 315 -9.74 19.81 3.85
C PHE A 315 -10.57 20.34 2.67
N VAL A 316 -11.86 20.05 2.68
CA VAL A 316 -12.76 20.50 1.63
C VAL A 316 -12.89 22.02 1.61
N GLU A 317 -13.00 22.62 2.79
CA GLU A 317 -13.12 24.08 2.91
C GLU A 317 -11.83 24.73 2.44
N LEU A 318 -10.71 24.13 2.81
CA LEU A 318 -9.38 24.63 2.43
C LEU A 318 -9.13 24.69 0.93
N ILE A 319 -9.58 23.66 0.23
CA ILE A 319 -9.38 23.55 -1.21
C ILE A 319 -10.52 24.15 -2.04
N TYR A 320 -11.68 24.29 -1.41
CA TYR A 320 -12.87 24.81 -2.08
C TYR A 320 -12.61 26.01 -2.98
N PRO A 321 -11.98 27.06 -2.44
CA PRO A 321 -11.73 28.23 -3.30
C PRO A 321 -10.89 27.92 -4.54
N VAL A 322 -9.93 27.01 -4.39
CA VAL A 322 -9.06 26.63 -5.50
C VAL A 322 -9.84 25.88 -6.57
N LEU A 323 -10.80 25.08 -6.13
CA LEU A 323 -11.64 24.32 -7.04
C LEU A 323 -12.46 25.29 -7.88
N LYS A 324 -12.98 26.33 -7.22
CA LYS A 324 -13.81 27.35 -7.88
C LYS A 324 -12.99 28.15 -8.91
N GLU A 325 -11.76 28.49 -8.56
CA GLU A 325 -10.89 29.25 -9.45
C GLU A 325 -10.56 28.53 -10.76
N ASN A 326 -10.29 27.23 -10.64
CA ASN A 326 -9.89 26.43 -11.80
C ASN A 326 -10.96 25.58 -12.48
N LEU A 327 -12.08 25.34 -11.81
CA LEU A 327 -13.13 24.52 -12.41
C LEU A 327 -14.41 25.31 -12.66
N PRO A 328 -14.74 25.55 -13.95
CA PRO A 328 -15.94 26.30 -14.34
C PRO A 328 -17.23 25.71 -13.79
N PHE A 329 -17.38 24.39 -13.94
CA PHE A 329 -18.57 23.71 -13.47
C PHE A 329 -18.73 23.78 -11.95
N MET A 330 -17.74 24.32 -11.25
CA MET A 330 -17.84 24.45 -9.81
C MET A 330 -18.74 25.60 -9.40
N SER A 331 -19.09 26.47 -10.34
CA SER A 331 -19.96 27.60 -10.01
C SER A 331 -21.42 27.16 -9.79
N ASN A 332 -21.62 25.85 -9.70
CA ASN A 332 -22.95 25.30 -9.49
C ASN A 332 -22.99 24.44 -8.24
N TYR A 333 -21.85 24.33 -7.55
CA TYR A 333 -21.82 23.52 -6.33
C TYR A 333 -21.28 24.26 -5.11
N THR A 334 -21.68 23.79 -3.94
CA THR A 334 -21.25 24.40 -2.68
C THR A 334 -20.23 23.48 -2.01
N PRO A 335 -19.56 23.96 -0.95
CA PRO A 335 -18.58 23.14 -0.25
C PRO A 335 -19.18 21.86 0.37
N GLU A 336 -20.47 21.88 0.68
CA GLU A 336 -21.13 20.69 1.24
C GLU A 336 -21.28 19.69 0.11
N ASP A 337 -21.54 20.20 -1.09
CA ASP A 337 -21.68 19.36 -2.27
C ASP A 337 -20.37 18.63 -2.51
N VAL A 338 -19.27 19.31 -2.27
CA VAL A 338 -17.96 18.70 -2.46
C VAL A 338 -17.74 17.70 -1.35
N TYR A 339 -18.18 18.05 -0.14
CA TYR A 339 -18.04 17.14 0.99
C TYR A 339 -18.75 15.82 0.71
N LEU A 340 -20.07 15.87 0.47
CA LEU A 340 -20.85 14.65 0.22
C LEU A 340 -20.23 13.84 -0.93
N TYR A 341 -19.73 14.55 -1.93
CA TYR A 341 -19.10 13.93 -3.09
C TYR A 341 -17.88 13.11 -2.63
N PHE A 342 -17.02 13.74 -1.82
CA PHE A 342 -15.81 13.08 -1.31
C PHE A 342 -16.07 11.93 -0.35
N ASN A 343 -17.32 11.81 0.14
CA ASN A 343 -17.63 10.78 1.10
C ASN A 343 -18.77 9.86 0.73
N ILE A 344 -19.11 9.81 -0.55
CA ILE A 344 -20.18 8.93 -0.99
C ILE A 344 -19.93 7.52 -0.46
N VAL A 345 -21.00 6.77 -0.29
CA VAL A 345 -20.90 5.39 0.19
C VAL A 345 -21.81 4.57 -0.69
N ARG A 346 -21.23 3.55 -1.33
CA ARG A 346 -22.02 2.71 -2.21
C ARG A 346 -21.36 1.36 -2.48
N PRO A 347 -21.98 0.28 -2.02
CA PRO A 347 -21.38 -1.03 -2.28
C PRO A 347 -21.36 -1.17 -3.80
N ASP A 348 -20.24 -1.65 -4.34
CA ASP A 348 -20.10 -1.81 -5.78
C ASP A 348 -19.10 -2.92 -6.05
N PHE A 349 -19.01 -3.33 -7.31
CA PHE A 349 -18.14 -4.41 -7.72
C PHE A 349 -16.62 -4.25 -7.63
N ILE A 350 -16.12 -3.06 -7.96
CA ILE A 350 -14.68 -2.83 -8.01
C ILE A 350 -14.00 -2.33 -6.74
N ARG A 351 -13.09 -3.14 -6.23
CA ARG A 351 -12.35 -2.81 -5.03
C ARG A 351 -11.68 -1.42 -5.09
N THR A 352 -10.95 -1.13 -6.18
CA THR A 352 -10.27 0.16 -6.27
C THR A 352 -11.19 1.38 -6.29
N GLU A 353 -12.48 1.15 -6.45
CA GLU A 353 -13.43 2.25 -6.46
C GLU A 353 -14.23 2.32 -5.16
N ALA A 354 -14.15 1.26 -4.36
CA ALA A 354 -14.88 1.19 -3.11
C ALA A 354 -14.64 2.38 -2.18
N ASP A 355 -15.72 2.90 -1.62
CA ASP A 355 -15.68 4.01 -0.67
C ASP A 355 -14.96 3.43 0.53
N VAL A 356 -14.67 4.25 1.53
CA VAL A 356 -13.94 3.77 2.71
C VAL A 356 -14.69 2.81 3.64
N VAL A 357 -16.02 2.82 3.59
CA VAL A 357 -16.82 1.95 4.44
C VAL A 357 -16.97 0.55 3.85
N THR A 358 -17.12 0.48 2.53
CA THR A 358 -17.26 -0.80 1.84
C THR A 358 -15.92 -1.43 1.41
N TYR A 359 -14.87 -0.61 1.32
CA TYR A 359 -13.54 -1.09 0.89
C TYR A 359 -13.03 -2.36 1.59
N ASN A 360 -12.94 -2.31 2.91
CA ASN A 360 -12.43 -3.46 3.64
C ASN A 360 -13.17 -4.80 3.44
N PHE A 361 -14.38 -4.76 2.91
CA PHE A 361 -15.11 -6.01 2.71
C PHE A 361 -14.59 -6.68 1.43
N HIS A 362 -14.01 -5.88 0.54
CA HIS A 362 -13.42 -6.39 -0.69
C HIS A 362 -12.16 -7.16 -0.29
N ILE A 363 -11.48 -6.68 0.74
CA ILE A 363 -10.26 -7.34 1.20
C ILE A 363 -10.55 -8.61 2.01
N LEU A 364 -11.59 -8.57 2.84
CA LEU A 364 -11.97 -9.73 3.65
C LEU A 364 -12.27 -10.94 2.75
N LEU A 365 -13.04 -10.74 1.70
CA LEU A 365 -13.35 -11.86 0.81
C LEU A 365 -12.09 -12.40 0.13
N ARG A 366 -11.23 -11.50 -0.34
CA ARG A 366 -9.98 -11.94 -0.96
C ARG A 366 -9.21 -12.72 0.10
N PHE A 367 -9.33 -12.31 1.36
CA PHE A 367 -8.65 -12.98 2.45
C PHE A 367 -9.19 -14.40 2.66
N LYS A 368 -10.51 -14.54 2.62
CA LYS A 368 -11.11 -15.84 2.79
C LYS A 368 -10.74 -16.78 1.64
N LEU A 369 -10.87 -16.32 0.41
CA LEU A 369 -10.53 -17.17 -0.71
C LEU A 369 -9.05 -17.56 -0.66
N GLU A 370 -8.18 -16.62 -0.28
CA GLU A 370 -6.75 -16.93 -0.22
C GLU A 370 -6.40 -17.98 0.85
N ARG A 371 -6.98 -17.84 2.04
CA ARG A 371 -6.72 -18.81 3.09
C ARG A 371 -7.15 -20.21 2.65
N LEU A 372 -8.30 -20.31 1.98
CA LEU A 372 -8.79 -21.60 1.48
C LEU A 372 -7.90 -22.22 0.41
N MET A 373 -7.48 -21.40 -0.57
CA MET A 373 -6.64 -21.81 -1.69
C MET A 373 -5.30 -22.45 -1.27
N VAL A 374 -4.71 -21.93 -0.22
CA VAL A 374 -3.44 -22.42 0.27
C VAL A 374 -3.56 -23.45 1.41
N SER A 375 -4.74 -23.50 2.02
CA SER A 375 -5.00 -24.45 3.13
C SER A 375 -5.60 -25.77 2.64
N GLU A 376 -6.87 -25.71 2.24
CA GLU A 376 -7.56 -26.90 1.77
C GLU A 376 -7.19 -27.13 0.31
N GLU A 377 -7.80 -28.12 -0.33
CA GLU A 377 -7.51 -28.38 -1.74
C GLU A 377 -8.58 -27.66 -2.56
N ILE A 378 -8.42 -26.34 -2.69
CA ILE A 378 -9.38 -25.57 -3.45
C ILE A 378 -9.14 -25.69 -4.94
N LYS A 379 -10.23 -25.58 -5.67
CA LYS A 379 -10.26 -25.72 -7.11
C LYS A 379 -10.50 -24.39 -7.84
N ALA A 380 -9.59 -24.03 -8.74
CA ALA A 380 -9.71 -22.77 -9.47
C ALA A 380 -11.07 -22.60 -10.14
N LYS A 381 -11.53 -23.65 -10.80
CA LYS A 381 -12.82 -23.63 -11.47
C LYS A 381 -13.94 -23.30 -10.50
N ASP A 382 -13.70 -23.48 -9.21
CA ASP A 382 -14.72 -23.21 -8.20
C ASP A 382 -14.61 -21.87 -7.50
N LEU A 383 -13.54 -21.14 -7.78
CA LEU A 383 -13.31 -19.84 -7.15
C LEU A 383 -14.34 -18.78 -7.54
N PRO A 384 -14.63 -18.63 -8.85
CA PRO A 384 -15.60 -17.62 -9.30
C PRO A 384 -16.90 -17.60 -8.49
N GLU A 385 -17.52 -18.76 -8.28
CA GLU A 385 -18.76 -18.79 -7.51
C GLU A 385 -18.55 -18.42 -6.05
N MET A 386 -17.47 -18.93 -5.44
CA MET A 386 -17.19 -18.58 -4.05
C MET A 386 -17.02 -17.07 -3.92
N TRP A 387 -16.36 -16.49 -4.90
CA TRP A 387 -16.13 -15.04 -4.92
C TRP A 387 -17.48 -14.35 -5.05
N ASN A 388 -18.30 -14.84 -5.97
CA ASN A 388 -19.63 -14.27 -6.20
C ASN A 388 -20.55 -14.38 -4.99
N ASP A 389 -20.58 -15.54 -4.36
CA ASP A 389 -21.41 -15.73 -3.17
C ASP A 389 -20.95 -14.82 -2.05
N GLU A 390 -19.64 -14.61 -1.94
CA GLU A 390 -19.10 -13.74 -0.90
C GLU A 390 -19.44 -12.28 -1.17
N MET A 391 -19.32 -11.88 -2.43
CA MET A 391 -19.65 -10.51 -2.82
C MET A 391 -21.11 -10.27 -2.47
N GLU A 392 -21.92 -11.31 -2.63
CA GLU A 392 -23.34 -11.19 -2.37
C GLU A 392 -23.66 -11.20 -0.89
N ARG A 393 -22.91 -11.98 -0.13
CA ARG A 393 -23.12 -12.08 1.31
C ARG A 393 -22.66 -10.84 2.09
N LEU A 394 -21.68 -10.11 1.57
CA LEU A 394 -21.16 -8.91 2.25
C LEU A 394 -21.70 -7.60 1.71
N LEU A 395 -21.82 -7.51 0.39
CA LEU A 395 -22.32 -6.27 -0.21
C LEU A 395 -23.67 -6.36 -0.92
N GLY A 396 -24.33 -7.52 -0.84
CA GLY A 396 -25.63 -7.65 -1.48
C GLY A 396 -25.70 -7.66 -3.01
N ILE A 397 -24.56 -7.43 -3.65
CA ILE A 397 -24.52 -7.41 -5.11
C ILE A 397 -23.76 -8.63 -5.61
N ARG A 398 -24.06 -9.06 -6.84
CA ARG A 398 -23.41 -10.23 -7.41
C ARG A 398 -22.83 -9.89 -8.77
N PRO A 399 -21.52 -10.09 -8.94
CA PRO A 399 -20.91 -9.79 -10.24
C PRO A 399 -21.65 -10.53 -11.35
N ARG A 400 -21.80 -9.88 -12.49
CA ARG A 400 -22.50 -10.48 -13.62
C ARG A 400 -21.52 -10.99 -14.67
N LYS A 401 -20.28 -10.53 -14.56
CA LYS A 401 -19.24 -10.92 -15.48
C LYS A 401 -17.90 -11.04 -14.74
N TYR A 402 -17.02 -11.88 -15.25
CA TYR A 402 -15.73 -12.12 -14.61
C TYR A 402 -14.90 -10.87 -14.32
N SER A 403 -14.96 -9.88 -15.21
CA SER A 403 -14.19 -8.64 -15.04
C SER A 403 -14.63 -7.80 -13.84
N GLU A 404 -15.91 -7.89 -13.47
CA GLU A 404 -16.42 -7.17 -12.32
C GLU A 404 -16.12 -7.96 -11.07
N GLY A 405 -15.74 -9.23 -11.25
CA GLY A 405 -15.46 -10.06 -10.10
C GLY A 405 -14.03 -10.53 -9.89
N ILE A 406 -13.87 -11.83 -9.79
CA ILE A 406 -12.59 -12.47 -9.54
C ILE A 406 -11.42 -12.05 -10.46
N LEU A 407 -11.75 -11.48 -11.61
CA LEU A 407 -10.72 -11.09 -12.55
C LEU A 407 -10.25 -9.63 -12.48
N GLN A 408 -10.92 -8.82 -11.67
CA GLN A 408 -10.56 -7.40 -11.59
C GLN A 408 -9.14 -7.00 -11.19
N ASP A 409 -8.52 -7.75 -10.27
CA ASP A 409 -7.16 -7.40 -9.81
C ASP A 409 -6.04 -8.28 -10.37
N ILE A 410 -4.87 -7.67 -10.55
CA ILE A 410 -3.69 -8.35 -11.08
C ILE A 410 -2.95 -9.22 -10.05
N HIS A 411 -3.10 -8.91 -8.77
CA HIS A 411 -2.37 -9.61 -7.72
C HIS A 411 -2.16 -11.13 -7.81
N TRP A 412 -3.22 -11.90 -8.02
CA TRP A 412 -3.05 -13.34 -8.09
C TRP A 412 -2.21 -13.78 -9.27
N ALA A 413 -2.40 -13.13 -10.42
CA ALA A 413 -1.65 -13.48 -11.62
C ALA A 413 -0.17 -13.18 -11.38
N HIS A 414 0.12 -12.17 -10.56
CA HIS A 414 1.50 -11.86 -10.27
C HIS A 414 2.03 -12.84 -9.22
N GLY A 415 1.13 -13.60 -8.61
CA GLY A 415 1.54 -14.52 -7.58
C GLY A 415 1.55 -13.84 -6.22
N SER A 416 0.95 -12.66 -6.13
CA SER A 416 0.92 -11.96 -4.85
C SER A 416 -0.23 -12.48 -3.99
N ILE A 417 -0.02 -13.64 -3.37
CA ILE A 417 -1.01 -14.28 -2.52
C ILE A 417 -0.57 -14.00 -1.06
N GLY A 418 -1.45 -13.40 -0.25
CA GLY A 418 -1.10 -13.09 1.13
C GLY A 418 -0.72 -11.61 1.21
N TYR A 419 -1.02 -10.88 0.13
CA TYR A 419 -0.72 -9.45 0.01
C TYR A 419 -1.92 -8.55 0.36
N PHE A 420 -3.08 -8.86 -0.18
CA PHE A 420 -4.28 -8.07 0.06
C PHE A 420 -4.55 -7.56 1.49
N PRO A 421 -4.38 -8.41 2.52
CA PRO A 421 -4.64 -7.93 3.88
C PRO A 421 -3.89 -6.68 4.36
N THR A 422 -2.72 -6.41 3.80
CA THR A 422 -1.96 -5.23 4.19
C THR A 422 -2.74 -3.94 3.89
N TYR A 423 -3.66 -4.00 2.92
CA TYR A 423 -4.46 -2.79 2.60
C TYR A 423 -5.41 -2.45 3.76
N THR A 424 -6.08 -3.46 4.30
CA THR A 424 -7.02 -3.26 5.41
C THR A 424 -6.27 -2.74 6.61
N ILE A 425 -5.08 -3.29 6.85
CA ILE A 425 -4.23 -2.88 7.98
C ILE A 425 -3.98 -1.38 7.91
N GLY A 426 -3.68 -0.89 6.71
CA GLY A 426 -3.44 0.54 6.53
C GLY A 426 -4.67 1.37 6.84
N THR A 427 -5.83 0.96 6.32
CA THR A 427 -7.06 1.71 6.57
C THR A 427 -7.30 1.74 8.09
N LEU A 428 -7.26 0.57 8.70
CA LEU A 428 -7.47 0.45 10.15
C LEU A 428 -6.48 1.33 10.90
N LEU A 429 -5.20 1.10 10.68
CA LEU A 429 -4.18 1.88 11.34
C LEU A 429 -4.33 3.40 11.16
N SER A 430 -4.91 3.85 10.04
CA SER A 430 -5.05 5.29 9.81
C SER A 430 -6.02 5.90 10.80
N ALA A 431 -7.01 5.10 11.20
CA ALA A 431 -8.02 5.53 12.15
C ALA A 431 -7.38 5.62 13.54
N GLN A 432 -6.71 4.54 13.95
CA GLN A 432 -6.06 4.49 15.26
C GLN A 432 -5.09 5.67 15.44
N LEU A 433 -4.26 5.91 14.43
CA LEU A 433 -3.31 7.01 14.49
C LEU A 433 -4.01 8.34 14.64
N TYR A 434 -5.17 8.48 14.01
CA TYR A 434 -5.93 9.73 14.08
C TYR A 434 -6.28 10.10 15.52
N TYR A 435 -6.76 9.13 16.29
CA TYR A 435 -7.15 9.37 17.68
C TYR A 435 -5.95 9.63 18.58
N HIS A 436 -4.82 9.02 18.26
CA HIS A 436 -3.62 9.23 19.05
C HIS A 436 -3.05 10.64 18.81
N ILE A 437 -3.19 11.13 17.58
CA ILE A 437 -2.68 12.47 17.29
C ILE A 437 -3.72 13.48 17.77
N LYS A 438 -4.99 13.08 17.71
CA LYS A 438 -6.09 13.93 18.15
C LYS A 438 -5.91 14.26 19.63
N LYS A 439 -5.11 13.44 20.31
CA LYS A 439 -4.80 13.62 21.72
C LYS A 439 -3.69 14.64 21.95
N ASP A 440 -2.61 14.54 21.18
CA ASP A 440 -1.50 15.48 21.32
C ASP A 440 -1.77 16.79 20.60
N ILE A 441 -2.71 16.77 19.66
CA ILE A 441 -3.07 17.95 18.89
C ILE A 441 -4.59 18.03 18.76
N PRO A 442 -5.27 18.40 19.86
CA PRO A 442 -6.74 18.50 19.84
C PRO A 442 -7.30 19.50 18.85
N ASP A 443 -6.45 20.39 18.34
CA ASP A 443 -6.90 21.38 17.36
C ASP A 443 -6.50 20.90 15.96
N PHE A 444 -6.51 19.57 15.80
CA PHE A 444 -6.15 18.91 14.56
C PHE A 444 -6.94 19.49 13.39
N GLU A 445 -8.28 19.46 13.51
CA GLU A 445 -9.19 19.96 12.48
C GLU A 445 -8.94 21.41 12.10
N GLU A 446 -8.80 22.24 13.12
CA GLU A 446 -8.56 23.66 12.91
C GLU A 446 -7.27 23.88 12.13
N LYS A 447 -6.23 23.11 12.42
CA LYS A 447 -4.97 23.25 11.69
C LYS A 447 -5.11 22.83 10.22
N VAL A 448 -5.91 21.80 9.95
CA VAL A 448 -6.10 21.36 8.57
C VAL A 448 -6.78 22.46 7.75
N ALA A 449 -7.86 23.00 8.29
CA ALA A 449 -8.61 24.06 7.63
C ALA A 449 -7.77 25.29 7.34
N LYS A 450 -6.69 25.48 8.10
CA LYS A 450 -5.83 26.64 7.88
C LYS A 450 -4.53 26.33 7.16
N ALA A 451 -4.34 25.06 6.79
CA ALA A 451 -3.16 24.61 6.07
C ALA A 451 -1.90 24.59 6.95
N GLU A 452 -2.09 24.42 8.26
CA GLU A 452 -0.97 24.34 9.18
C GLU A 452 -0.65 22.87 9.42
N PHE A 453 0.07 22.27 8.47
CA PHE A 453 0.42 20.86 8.56
C PHE A 453 1.75 20.50 9.20
N ASP A 454 2.61 21.48 9.44
CA ASP A 454 3.90 21.16 10.03
C ASP A 454 3.81 20.36 11.33
N PRO A 455 2.97 20.79 12.29
CA PRO A 455 2.91 20.00 13.53
C PRO A 455 2.43 18.56 13.30
N ILE A 456 1.56 18.37 12.34
CA ILE A 456 1.03 17.04 12.01
C ILE A 456 2.09 16.22 11.30
N LYS A 457 2.88 16.88 10.46
CA LYS A 457 3.95 16.20 9.74
C LYS A 457 5.02 15.79 10.73
N ALA A 458 5.31 16.67 11.70
CA ALA A 458 6.32 16.39 12.71
C ALA A 458 5.89 15.29 13.68
N TRP A 459 4.59 15.24 13.98
CA TRP A 459 4.06 14.22 14.90
C TRP A 459 4.27 12.86 14.25
N LEU A 460 3.95 12.77 12.95
CA LEU A 460 4.13 11.54 12.21
C LEU A 460 5.61 11.13 12.16
N ARG A 461 6.49 12.11 12.01
CA ARG A 461 7.93 11.82 11.95
C ARG A 461 8.43 11.15 13.22
N GLU A 462 8.19 11.80 14.35
CA GLU A 462 8.62 11.28 15.65
C GLU A 462 8.01 9.95 16.00
N LYS A 463 6.73 9.77 15.71
CA LYS A 463 6.06 8.53 16.05
C LYS A 463 6.33 7.37 15.10
N ILE A 464 6.30 7.64 13.79
CA ILE A 464 6.49 6.58 12.80
C ILE A 464 7.73 6.66 11.88
N HIS A 465 7.80 7.73 11.10
CA HIS A 465 8.85 7.93 10.10
C HIS A 465 10.35 7.77 10.44
N ARG A 466 10.86 8.59 11.36
CA ARG A 466 12.28 8.54 11.69
C ARG A 466 12.79 7.17 12.06
N TRP A 467 11.88 6.27 12.47
CA TRP A 467 12.29 4.94 12.88
C TRP A 467 12.64 4.01 11.72
N GLY A 468 12.26 4.38 10.50
CA GLY A 468 12.55 3.53 9.37
C GLY A 468 12.23 2.07 9.63
N SER A 469 13.20 1.19 9.36
CA SER A 469 13.05 -0.24 9.56
C SER A 469 13.82 -0.76 10.76
N ILE A 470 13.96 0.08 11.77
CA ILE A 470 14.67 -0.33 12.97
C ILE A 470 13.96 -1.48 13.69
N TYR A 471 12.65 -1.35 13.85
CA TYR A 471 11.84 -2.36 14.54
C TYR A 471 10.84 -3.02 13.61
N PRO A 472 10.44 -4.26 13.90
CA PRO A 472 9.46 -4.95 13.05
C PRO A 472 8.15 -4.16 13.16
N PRO A 473 7.22 -4.37 12.23
CA PRO A 473 5.94 -3.65 12.27
C PRO A 473 5.27 -3.60 13.64
N LYS A 474 5.07 -4.77 14.25
CA LYS A 474 4.41 -4.82 15.54
C LYS A 474 5.17 -4.07 16.63
N GLU A 475 6.45 -4.39 16.79
CA GLU A 475 7.25 -3.72 17.81
C GLU A 475 7.27 -2.21 17.58
N LEU A 476 7.19 -1.78 16.33
CA LEU A 476 7.17 -0.36 16.01
C LEU A 476 5.93 0.32 16.59
N LEU A 477 4.78 -0.33 16.41
CA LEU A 477 3.52 0.22 16.93
C LEU A 477 3.50 0.35 18.45
N LYS A 478 3.86 -0.72 19.15
CA LYS A 478 3.89 -0.69 20.60
C LYS A 478 4.74 0.47 21.12
N LYS A 479 5.97 0.55 20.62
CA LYS A 479 6.92 1.60 21.01
C LYS A 479 6.39 3.01 20.82
N ALA A 480 5.73 3.25 19.70
CA ALA A 480 5.22 4.57 19.37
C ALA A 480 3.77 4.88 19.76
N ILE A 481 2.91 3.87 19.80
CA ILE A 481 1.51 4.11 20.13
C ILE A 481 1.04 3.45 21.42
N GLY A 482 1.98 2.84 22.15
CA GLY A 482 1.63 2.20 23.40
C GLY A 482 0.65 1.04 23.29
N GLU A 483 0.44 0.57 22.06
CA GLU A 483 -0.48 -0.54 21.86
C GLU A 483 -0.30 -1.19 20.49
N ASP A 484 -1.16 -2.16 20.22
CA ASP A 484 -1.14 -2.90 18.96
C ASP A 484 -2.31 -2.45 18.11
N MET A 485 -2.34 -2.88 16.86
CA MET A 485 -3.43 -2.53 15.97
C MET A 485 -4.73 -3.01 16.60
N ASP A 486 -5.78 -2.22 16.45
CA ASP A 486 -7.10 -2.57 16.98
C ASP A 486 -8.17 -2.01 16.06
N ALA A 487 -8.82 -2.90 15.33
CA ALA A 487 -9.84 -2.53 14.38
C ALA A 487 -10.90 -1.59 14.94
N GLU A 488 -11.12 -1.64 16.26
CA GLU A 488 -12.13 -0.81 16.91
C GLU A 488 -12.11 0.67 16.54
N TYR A 489 -10.92 1.24 16.37
CA TYR A 489 -10.79 2.66 16.02
C TYR A 489 -11.43 3.01 14.68
N PHE A 490 -11.20 2.16 13.69
CA PHE A 490 -11.77 2.39 12.37
C PHE A 490 -13.31 2.44 12.47
N VAL A 491 -13.87 1.60 13.32
CA VAL A 491 -15.33 1.57 13.49
C VAL A 491 -15.87 2.87 14.10
N ARG A 492 -15.17 3.38 15.11
CA ARG A 492 -15.59 4.63 15.74
C ARG A 492 -15.44 5.76 14.72
N TRP A 493 -14.28 5.83 14.09
CA TRP A 493 -14.03 6.86 13.07
C TRP A 493 -15.25 6.91 12.13
N VAL A 494 -15.60 5.77 11.56
CA VAL A 494 -16.72 5.69 10.63
C VAL A 494 -18.04 6.12 11.29
N LYS A 495 -18.30 5.63 12.48
CA LYS A 495 -19.52 5.96 13.22
C LYS A 495 -19.63 7.47 13.44
N GLU A 496 -18.55 8.02 13.97
CA GLU A 496 -18.45 9.44 14.28
C GLU A 496 -18.46 10.31 13.02
N LYS A 497 -18.27 9.69 11.86
CA LYS A 497 -18.25 10.43 10.61
C LYS A 497 -19.54 10.34 9.81
N TYR A 498 -20.20 9.18 9.86
CA TYR A 498 -21.46 9.00 9.12
C TYR A 498 -22.72 8.97 10.01
N LEU A 499 -22.55 9.11 11.32
CA LEU A 499 -23.68 9.10 12.24
C LEU A 499 -23.61 10.25 13.24
MG MG B . -0.80 3.22 -1.45
#